data_4ETV
#
_entry.id   4ETV
#
_cell.length_a   58.900
_cell.length_b   88.220
_cell.length_c   92.070
_cell.angle_alpha   90.000
_cell.angle_beta   90.000
_cell.angle_gamma   90.000
#
_symmetry.space_group_name_H-M   'P 21 21 21'
#
loop_
_entity.id
_entity.type
_entity.pdbx_description
1 polymer 'Ryanodine receptor 2'
2 non-polymer 'CHLORIDE ION'
3 water water
#
_entity_poly.entity_id   1
_entity_poly.type   'polypeptide(L)'
_entity_poly.pdbx_seq_one_letter_code
;SNANFNPQPVDTSNITIPEKLEYFINKYAEHSHDKWS(MSE)DKLANGWIYGEIYSDSSKIQPL(MSE)KPYKLLSEKEK
EIYRWPIKESLKT(MSE)LAWGWRIERTREGDS(MSE)ALYNRTRRISQTSQVSIDAAHGYSPRAID(MSE)SNVTLSRD
LHA(MSE)AE(MSE)(MSE)AENYHNIWAKKKKLELESKGGGNHPLLVPYDTLTAAEKAKDREKAQDIFKFLQISGYVVS
R
;
_entity_poly.pdbx_strand_id   A,B
#
loop_
_chem_comp.id
_chem_comp.type
_chem_comp.name
_chem_comp.formula
CL non-polymer 'CHLORIDE ION' 'Cl -1'
#
# COMPACT_ATOMS: atom_id res chain seq x y z
N PHE A 5 -7.73 -1.35 24.61
CA PHE A 5 -7.25 -0.48 23.54
C PHE A 5 -8.20 0.67 23.30
N ASN A 6 -7.72 1.87 23.53
CA ASN A 6 -8.48 3.07 23.36
C ASN A 6 -7.69 4.01 22.49
N PRO A 7 -7.72 3.84 21.20
CA PRO A 7 -6.95 4.70 20.32
C PRO A 7 -7.45 6.14 20.36
N GLN A 8 -6.59 7.09 20.59
CA GLN A 8 -6.97 8.49 20.46
C GLN A 8 -6.03 9.20 19.48
N PRO A 9 -6.52 9.46 18.25
CA PRO A 9 -5.73 10.21 17.31
C PRO A 9 -5.52 11.62 17.83
N VAL A 10 -4.44 12.22 17.38
CA VAL A 10 -4.14 13.60 17.71
C VAL A 10 -5.26 14.48 17.17
N ASP A 11 -5.85 15.30 18.03
CA ASP A 11 -6.93 16.18 17.61
C ASP A 11 -6.34 17.42 16.93
N THR A 12 -6.63 17.57 15.65
CA THR A 12 -6.10 18.66 14.85
C THR A 12 -7.21 19.61 14.39
N SER A 13 -8.35 19.57 15.07
CA SER A 13 -9.52 20.34 14.62
C SER A 13 -9.32 21.85 14.67
N ASN A 14 -8.38 22.29 15.50
CA ASN A 14 -8.15 23.72 15.61
C ASN A 14 -6.75 24.15 15.13
N ILE A 15 -6.13 23.30 14.31
CA ILE A 15 -4.80 23.62 13.80
C ILE A 15 -4.95 24.46 12.53
N THR A 16 -4.22 25.57 12.45
CA THR A 16 -4.10 26.35 11.22
C THR A 16 -2.77 26.06 10.55
N ILE A 17 -2.81 25.75 9.25
CA ILE A 17 -1.56 25.51 8.56
C ILE A 17 -0.91 26.85 8.19
N PRO A 18 0.35 27.05 8.62
CA PRO A 18 1.04 28.27 8.28
C PRO A 18 1.39 28.37 6.79
N GLU A 19 1.51 29.62 6.31
CA GLU A 19 1.77 29.89 4.90
C GLU A 19 3.03 29.20 4.36
N LYS A 20 4.03 29.03 5.23
CA LYS A 20 5.30 28.39 4.81
C LYS A 20 5.10 27.00 4.22
N LEU A 21 3.96 26.38 4.51
CA LEU A 21 3.69 24.99 4.07
C LEU A 21 2.88 24.91 2.78
N GLU A 22 2.32 26.03 2.33
N GLU A 22 2.35 26.05 2.35
CA GLU A 22 1.50 26.00 1.10
CA GLU A 22 1.55 26.12 1.13
C GLU A 22 2.27 25.47 -0.12
C GLU A 22 2.25 25.52 -0.10
N TYR A 23 3.52 25.87 -0.27
CA TYR A 23 4.32 25.38 -1.39
C TYR A 23 4.39 23.84 -1.34
N PHE A 24 4.63 23.33 -0.15
CA PHE A 24 4.75 21.88 -0.01
C PHE A 24 3.44 21.17 -0.35
N ILE A 25 2.32 21.67 0.17
CA ILE A 25 1.04 21.01 -0.02
C ILE A 25 0.78 20.96 -1.54
N ASN A 26 1.00 22.08 -2.22
CA ASN A 26 0.75 22.12 -3.67
CA ASN A 26 0.74 22.12 -3.68
C ASN A 26 1.66 21.13 -4.42
N LYS A 27 2.94 21.10 -4.06
CA LYS A 27 3.90 20.23 -4.74
C LYS A 27 3.64 18.74 -4.49
N TYR A 28 3.41 18.40 -3.22
CA TYR A 28 3.10 17.02 -2.87
C TYR A 28 1.75 16.54 -3.41
N ALA A 29 0.77 17.44 -3.47
CA ALA A 29 -0.53 17.10 -4.04
C ALA A 29 -0.32 16.80 -5.52
N GLU A 30 0.46 17.64 -6.20
CA GLU A 30 0.79 17.39 -7.62
C GLU A 30 1.47 16.05 -7.84
N HIS A 31 2.44 15.73 -7.00
CA HIS A 31 3.08 14.43 -7.02
C HIS A 31 2.10 13.26 -6.83
N SER A 32 1.18 13.40 -5.87
CA SER A 32 0.19 12.36 -5.54
C SER A 32 -0.70 12.14 -6.77
N HIS A 33 -1.06 13.23 -7.43
CA HIS A 33 -1.92 13.12 -8.64
C HIS A 33 -1.18 12.45 -9.77
N ASP A 34 0.10 12.80 -9.92
CA ASP A 34 0.92 12.20 -10.98
C ASP A 34 1.04 10.71 -10.73
N LYS A 35 1.23 10.32 -9.46
CA LYS A 35 1.24 8.89 -9.11
C LYS A 35 -0.04 8.14 -9.47
N TRP A 36 -1.16 8.77 -9.12
CA TRP A 36 -2.47 8.25 -9.43
C TRP A 36 -2.64 8.10 -10.94
N SER A 37 -2.23 9.12 -11.70
CA SER A 37 -2.36 9.06 -13.18
C SER A 37 -1.53 7.97 -13.76
N MSE A 38 -0.33 7.77 -13.22
CA MSE A 38 0.54 6.73 -13.75
C MSE A 38 0.00 5.34 -13.46
O MSE A 38 0.11 4.46 -14.31
CB MSE A 38 1.99 6.90 -13.22
CG MSE A 38 2.62 8.11 -13.85
SE MSE A 38 4.47 8.38 -13.32
CE MSE A 38 4.16 9.21 -11.58
N ASP A 39 -0.62 5.17 -12.29
CA ASP A 39 -1.22 3.92 -11.90
C ASP A 39 -2.42 3.61 -12.80
N LYS A 40 -3.23 4.63 -13.07
CA LYS A 40 -4.35 4.47 -14.02
C LYS A 40 -3.89 4.05 -15.41
N LEU A 41 -2.82 4.68 -15.88
CA LEU A 41 -2.26 4.39 -17.19
C LEU A 41 -1.81 2.93 -17.26
N ALA A 42 -1.11 2.49 -16.21
CA ALA A 42 -0.63 1.10 -16.09
C ALA A 42 -1.79 0.12 -16.07
N ASN A 43 -2.97 0.60 -15.69
CA ASN A 43 -4.16 -0.23 -15.70
C ASN A 43 -5.09 0.03 -16.90
N GLY A 44 -4.52 0.55 -17.98
CA GLY A 44 -5.21 0.59 -19.27
C GLY A 44 -6.18 1.74 -19.44
N TRP A 45 -6.11 2.73 -18.53
CA TRP A 45 -6.91 3.95 -18.69
C TRP A 45 -6.15 5.00 -19.50
N ILE A 46 -6.87 5.84 -20.23
CA ILE A 46 -6.23 6.95 -20.92
C ILE A 46 -7.04 8.22 -20.70
N TYR A 47 -6.42 9.37 -20.95
CA TYR A 47 -7.14 10.63 -20.87
C TYR A 47 -8.17 10.72 -21.99
N GLY A 48 -9.29 11.35 -21.71
CA GLY A 48 -10.21 11.78 -22.77
C GLY A 48 -11.22 12.72 -22.18
N GLU A 49 -12.11 13.21 -23.03
CA GLU A 49 -12.98 14.32 -22.68
C GLU A 49 -14.11 13.87 -21.75
N ILE A 50 -14.67 12.70 -22.03
CA ILE A 50 -15.84 12.23 -21.31
C ILE A 50 -15.53 10.96 -20.54
N TYR A 51 -15.80 10.94 -19.24
CA TYR A 51 -15.55 9.72 -18.46
C TYR A 51 -16.34 8.53 -18.98
N SER A 52 -15.69 7.37 -19.01
CA SER A 52 -16.34 6.13 -19.40
C SER A 52 -15.66 4.95 -18.73
N ASP A 53 -16.45 4.15 -18.01
CA ASP A 53 -15.97 2.88 -17.48
C ASP A 53 -15.67 1.87 -18.58
N SER A 54 -16.56 1.77 -19.56
CA SER A 54 -16.37 0.77 -20.62
C SER A 54 -15.21 1.06 -21.57
N SER A 55 -14.93 2.33 -21.86
CA SER A 55 -13.79 2.67 -22.73
C SER A 55 -12.52 2.96 -21.92
N LYS A 56 -12.65 2.97 -20.60
CA LYS A 56 -11.55 3.32 -19.69
C LYS A 56 -10.99 4.69 -20.03
N ILE A 57 -11.86 5.69 -19.98
CA ILE A 57 -11.46 7.06 -20.27
C ILE A 57 -11.62 7.85 -18.99
N GLN A 58 -10.55 8.53 -18.61
CA GLN A 58 -10.52 9.29 -17.35
C GLN A 58 -10.05 10.71 -17.63
N PRO A 59 -11.01 11.67 -17.61
CA PRO A 59 -10.73 13.09 -17.83
C PRO A 59 -9.84 13.72 -16.75
N LEU A 60 -9.61 13.00 -15.66
CA LEU A 60 -8.72 13.47 -14.59
C LEU A 60 -7.23 13.25 -14.92
N MSE A 61 -6.94 12.49 -15.98
CA MSE A 61 -5.54 12.22 -16.31
C MSE A 61 -4.90 13.36 -17.14
O MSE A 61 -4.53 13.22 -18.32
CB MSE A 61 -5.40 10.86 -17.00
CG MSE A 61 -5.79 9.70 -16.07
SE MSE A 61 -5.94 8.04 -17.15
CE MSE A 61 -4.06 7.82 -17.62
N LYS A 62 -4.75 14.50 -16.48
CA LYS A 62 -4.21 15.67 -17.08
C LYS A 62 -3.37 16.39 -16.02
N PRO A 63 -2.64 17.44 -16.41
CA PRO A 63 -1.79 18.15 -15.43
C PRO A 63 -2.56 18.63 -14.21
N TYR A 64 -1.93 18.46 -13.03
CA TYR A 64 -2.54 18.91 -11.77
C TYR A 64 -3.03 20.36 -11.84
N LYS A 65 -2.26 21.24 -12.49
CA LYS A 65 -2.63 22.67 -12.58
C LYS A 65 -3.98 22.89 -13.27
N LEU A 66 -4.39 21.92 -14.09
CA LEU A 66 -5.68 22.01 -14.78
C LEU A 66 -6.86 21.46 -14.00
N LEU A 67 -6.62 20.79 -12.87
CA LEU A 67 -7.71 20.28 -12.06
C LEU A 67 -8.49 21.39 -11.39
N SER A 68 -9.76 21.12 -11.13
CA SER A 68 -10.62 22.01 -10.36
C SER A 68 -10.18 22.02 -8.89
N GLU A 69 -10.65 23.01 -8.15
CA GLU A 69 -10.36 23.04 -6.72
C GLU A 69 -10.86 21.80 -6.00
N LYS A 70 -12.09 21.34 -6.29
CA LYS A 70 -12.61 20.08 -5.71
C LYS A 70 -11.75 18.87 -6.07
N GLU A 71 -11.28 18.83 -7.31
CA GLU A 71 -10.44 17.72 -7.76
C GLU A 71 -9.08 17.72 -7.06
N LYS A 72 -8.49 18.91 -6.92
CA LYS A 72 -7.21 19.06 -6.19
C LYS A 72 -7.36 18.70 -4.73
N GLU A 73 -8.52 19.01 -4.14
CA GLU A 73 -8.77 18.74 -2.71
C GLU A 73 -8.70 17.27 -2.30
N ILE A 74 -9.04 16.38 -3.22
CA ILE A 74 -8.92 14.97 -3.00
C ILE A 74 -7.49 14.63 -2.54
N TYR A 75 -6.53 15.34 -3.13
CA TYR A 75 -5.11 15.10 -2.83
C TYR A 75 -4.65 15.99 -1.68
N ARG A 76 -5.14 17.23 -1.66
CA ARG A 76 -4.63 18.19 -0.63
C ARG A 76 -5.13 17.81 0.77
N TRP A 77 -6.37 17.34 0.85
CA TRP A 77 -6.96 17.04 2.16
C TRP A 77 -6.12 16.10 3.05
N PRO A 78 -5.71 14.92 2.55
CA PRO A 78 -4.96 14.06 3.46
C PRO A 78 -3.58 14.63 3.77
N ILE A 79 -3.01 15.41 2.85
CA ILE A 79 -1.69 15.98 3.08
C ILE A 79 -1.81 17.00 4.22
N LYS A 80 -2.87 17.82 4.14
CA LYS A 80 -3.12 18.80 5.19
C LYS A 80 -3.36 18.10 6.51
N GLU A 81 -4.13 17.01 6.50
CA GLU A 81 -4.34 16.26 7.74
C GLU A 81 -3.02 15.77 8.34
N SER A 82 -2.10 15.27 7.48
CA SER A 82 -0.82 14.82 8.00
C SER A 82 0.00 15.98 8.56
N LEU A 83 0.00 17.13 7.89
CA LEU A 83 0.82 18.26 8.32
C LEU A 83 0.24 18.77 9.65
N LYS A 84 -1.07 18.75 9.80
CA LYS A 84 -1.66 19.28 11.04
C LYS A 84 -1.24 18.48 12.22
N THR A 85 -1.08 17.18 12.03
CA THR A 85 -0.58 16.36 13.12
C THR A 85 0.86 16.79 13.52
N MSE A 86 1.75 16.97 12.54
CA MSE A 86 3.10 17.46 12.85
C MSE A 86 3.04 18.78 13.64
O MSE A 86 3.81 18.99 14.57
CB MSE A 86 3.94 17.65 11.57
CG MSE A 86 3.92 16.38 10.82
SE MSE A 86 5.19 16.72 9.31
CE MSE A 86 5.02 15.03 8.35
N LEU A 87 2.16 19.66 13.19
CA LEU A 87 2.02 21.01 13.79
C LEU A 87 1.50 20.87 15.23
N ALA A 88 0.55 19.97 15.42
CA ALA A 88 -0.01 19.73 16.76
C ALA A 88 1.07 19.26 17.71
N TRP A 89 2.02 18.47 17.19
CA TRP A 89 3.13 17.98 18.00
C TRP A 89 4.27 18.99 18.21
N GLY A 90 4.17 20.15 17.58
CA GLY A 90 5.14 21.23 17.75
C GLY A 90 6.44 21.01 16.99
N TRP A 91 6.40 20.10 16.02
CA TRP A 91 7.60 19.86 15.23
C TRP A 91 7.98 21.11 14.42
N ARG A 92 9.28 21.35 14.37
CA ARG A 92 9.84 22.53 13.73
C ARG A 92 9.91 22.27 12.23
N ILE A 93 9.49 23.24 11.42
CA ILE A 93 9.38 23.03 9.98
C ILE A 93 9.95 24.27 9.30
N GLU A 94 11.00 24.08 8.50
CA GLU A 94 11.72 25.19 7.93
C GLU A 94 11.99 24.87 6.45
N ARG A 95 11.83 25.87 5.60
CA ARG A 95 12.28 25.79 4.20
C ARG A 95 13.76 26.09 4.15
N THR A 96 14.51 25.38 3.29
CA THR A 96 15.96 25.58 3.21
C THR A 96 16.39 26.08 1.85
N ARG A 97 17.59 26.62 1.78
CA ARG A 97 18.05 27.23 0.55
C ARG A 97 18.56 26.19 -0.43
N GLU A 98 19.19 25.15 0.09
CA GLU A 98 19.84 24.22 -0.82
C GLU A 98 19.34 22.78 -0.73
N GLY A 99 18.25 22.57 -0.01
CA GLY A 99 17.75 21.20 0.26
C GLY A 99 16.82 20.56 -0.75
N ASP A 100 16.41 21.30 -1.79
CA ASP A 100 15.45 20.80 -2.78
C ASP A 100 16.11 19.88 -3.81
N SER A 101 16.53 18.71 -3.36
CA SER A 101 17.29 17.81 -4.20
C SER A 101 16.49 17.34 -5.43
N MSE A 102 15.17 17.33 -5.35
CA MSE A 102 14.36 16.91 -6.51
C MSE A 102 14.55 17.83 -7.73
O MSE A 102 14.35 17.41 -8.88
CB MSE A 102 12.89 16.77 -6.13
CG MSE A 102 12.16 18.08 -5.97
SE MSE A 102 10.43 17.54 -5.28
CE MSE A 102 10.00 16.30 -6.64
N ALA A 103 14.97 19.06 -7.49
CA ALA A 103 15.23 20.02 -8.58
C ALA A 103 16.26 19.50 -9.59
N LEU A 104 17.18 18.66 -9.11
CA LEU A 104 18.27 18.17 -9.93
C LEU A 104 17.91 16.94 -10.75
N TYR A 105 16.72 16.39 -10.53
CA TYR A 105 16.32 15.16 -11.21
C TYR A 105 16.30 15.35 -12.71
N ASN A 106 16.99 14.46 -13.42
CA ASN A 106 17.08 14.48 -14.88
C ASN A 106 15.71 14.30 -15.53
N ALA A 121 0.82 13.10 -26.16
CA ALA A 121 -0.07 13.06 -25.00
C ALA A 121 -0.94 14.31 -24.91
N ALA A 122 -2.17 14.13 -24.48
CA ALA A 122 -3.06 15.24 -24.35
C ALA A 122 -2.55 16.15 -23.23
N HIS A 123 -2.73 17.45 -23.46
CA HIS A 123 -2.29 18.51 -22.61
C HIS A 123 -0.79 18.53 -22.38
N GLY A 124 -0.04 17.79 -23.19
CA GLY A 124 1.38 17.63 -23.03
C GLY A 124 1.75 16.93 -21.72
N TYR A 125 0.83 16.15 -21.17
CA TYR A 125 0.99 15.60 -19.81
C TYR A 125 1.96 14.43 -19.81
N SER A 126 3.06 14.57 -19.08
CA SER A 126 3.98 13.45 -18.95
C SER A 126 4.45 13.32 -17.52
N PRO A 127 3.66 12.60 -16.70
CA PRO A 127 4.04 12.42 -15.29
C PRO A 127 5.23 11.47 -15.22
N ARG A 128 6.21 11.77 -14.34
CA ARG A 128 7.36 10.88 -14.11
C ARG A 128 7.38 10.35 -12.66
N ALA A 129 7.75 9.09 -12.51
CA ALA A 129 7.83 8.45 -11.21
C ALA A 129 9.03 9.03 -10.47
N ILE A 130 8.94 9.03 -9.14
CA ILE A 130 10.09 9.35 -8.29
C ILE A 130 10.39 8.07 -7.56
N ASP A 131 11.65 7.67 -7.60
CA ASP A 131 12.02 6.51 -6.82
C ASP A 131 12.35 6.99 -5.41
N MSE A 132 11.37 6.84 -4.54
CA MSE A 132 11.53 7.19 -3.15
C MSE A 132 12.50 6.27 -2.42
O MSE A 132 13.00 6.67 -1.36
CB MSE A 132 10.16 7.21 -2.46
CG MSE A 132 9.18 8.14 -3.17
SE MSE A 132 9.74 10.03 -3.04
CE MSE A 132 8.75 10.56 -1.43
N SER A 133 12.83 5.10 -2.98
CA SER A 133 13.84 4.25 -2.32
C SER A 133 15.23 4.78 -2.52
N ASN A 134 15.36 5.85 -3.31
CA ASN A 134 16.66 6.51 -3.44
C ASN A 134 16.89 7.52 -2.29
N VAL A 135 15.84 7.74 -1.51
CA VAL A 135 15.88 8.76 -0.44
C VAL A 135 16.00 8.09 0.90
N THR A 136 16.93 8.59 1.73
CA THR A 136 17.18 7.97 3.04
C THR A 136 16.78 8.95 4.14
N LEU A 137 16.10 8.43 5.17
CA LEU A 137 15.74 9.22 6.35
C LEU A 137 16.74 8.93 7.45
N SER A 138 17.09 9.96 8.23
CA SER A 138 17.94 9.78 9.43
C SER A 138 17.23 8.90 10.47
N ARG A 139 18.02 8.44 11.43
CA ARG A 139 17.42 7.74 12.56
C ARG A 139 16.29 8.52 13.21
N ASP A 140 16.50 9.81 13.44
CA ASP A 140 15.47 10.60 14.14
C ASP A 140 14.24 10.77 13.26
N LEU A 141 14.46 10.99 11.96
CA LEU A 141 13.30 11.15 11.08
C LEU A 141 12.51 9.85 10.90
N HIS A 142 13.21 8.71 10.84
CA HIS A 142 12.54 7.42 10.85
CA HIS A 142 12.55 7.41 10.87
C HIS A 142 11.65 7.25 12.07
N ALA A 143 12.16 7.68 13.23
CA ALA A 143 11.39 7.63 14.47
C ALA A 143 10.17 8.51 14.44
N MSE A 144 10.32 9.70 13.87
CA MSE A 144 9.19 10.61 13.72
C MSE A 144 8.18 10.04 12.74
O MSE A 144 6.98 10.07 12.98
CB MSE A 144 9.66 11.99 13.26
CG MSE A 144 10.53 12.66 14.33
SE MSE A 144 11.61 14.08 13.67
CE MSE A 144 10.24 15.24 13.40
N ALA A 145 8.66 9.42 11.65
CA ALA A 145 7.73 8.73 10.75
C ALA A 145 6.94 7.62 11.48
N GLU A 146 7.62 6.87 12.37
CA GLU A 146 6.91 5.85 13.16
C GLU A 146 5.78 6.42 14.05
N MSE A 147 6.04 7.60 14.64
CA MSE A 147 4.99 8.28 15.39
C MSE A 147 3.82 8.68 14.50
O MSE A 147 2.67 8.50 14.87
CB MSE A 147 5.52 9.51 16.11
CG MSE A 147 6.37 9.16 17.25
SE MSE A 147 6.89 10.84 18.15
CE MSE A 147 5.17 11.64 18.46
N MSE A 148 4.14 9.19 13.30
CA MSE A 148 3.07 9.49 12.34
C MSE A 148 2.29 8.25 11.93
O MSE A 148 1.06 8.26 11.86
CB MSE A 148 3.66 10.18 11.12
CG MSE A 148 4.19 11.60 11.36
SE MSE A 148 2.68 12.83 11.56
CE MSE A 148 1.52 12.22 10.14
N ALA A 149 3.02 7.15 11.67
CA ALA A 149 2.37 5.91 11.30
C ALA A 149 1.42 5.46 12.44
N GLU A 150 1.88 5.54 13.69
CA GLU A 150 1.05 5.15 14.82
C GLU A 150 -0.22 6.00 14.89
N ASN A 151 -0.08 7.30 14.61
CA ASN A 151 -1.26 8.14 14.57
C ASN A 151 -2.21 7.78 13.44
N TYR A 152 -1.69 7.44 12.27
CA TYR A 152 -2.59 6.97 11.22
C TYR A 152 -3.34 5.70 11.65
N HIS A 153 -2.64 4.81 12.35
CA HIS A 153 -3.25 3.58 12.82
C HIS A 153 -4.36 3.93 13.86
N ASN A 154 -4.05 4.85 14.76
CA ASN A 154 -5.07 5.25 15.76
C ASN A 154 -6.31 5.88 15.13
N ILE A 155 -6.13 6.68 14.07
CA ILE A 155 -7.27 7.19 13.30
C ILE A 155 -8.15 6.05 12.77
N TRP A 156 -7.52 5.09 12.11
CA TRP A 156 -8.24 3.96 11.55
C TRP A 156 -8.92 3.16 12.70
N ALA A 157 -8.17 2.97 13.80
CA ALA A 157 -8.61 2.06 14.87
C ALA A 157 -9.79 2.63 15.63
N LYS A 158 -9.75 3.93 15.88
CA LYS A 158 -10.88 4.63 16.52
C LYS A 158 -12.15 4.50 15.67
N LYS A 159 -12.01 4.68 14.37
CA LYS A 159 -13.14 4.54 13.44
C LYS A 159 -13.67 3.11 13.39
N LYS A 160 -12.76 2.13 13.30
CA LYS A 160 -13.14 0.72 13.36
C LYS A 160 -13.83 0.34 14.69
N LYS A 161 -13.32 0.85 15.81
CA LYS A 161 -13.90 0.55 17.12
C LYS A 161 -15.32 1.10 17.20
N LEU A 162 -15.55 2.24 16.57
CA LEU A 162 -16.89 2.82 16.50
C LEU A 162 -17.80 2.05 15.54
N GLU A 163 -17.28 1.67 14.38
CA GLU A 163 -18.01 0.82 13.44
C GLU A 163 -18.51 -0.47 14.10
N LEU A 164 -17.65 -1.15 14.85
CA LEU A 164 -18.01 -2.43 15.49
C LEU A 164 -19.08 -2.27 16.58
N GLU A 165 -18.86 -1.29 17.46
CA GLU A 165 -19.80 -0.94 18.53
C GLU A 165 -21.20 -0.65 18.00
N SER A 166 -21.26 -0.03 16.82
CA SER A 166 -22.52 0.32 16.17
C SER A 166 -23.12 -0.84 15.35
N LYS A 167 -22.35 -1.89 15.13
CA LYS A 167 -22.88 -3.13 14.54
C LYS A 167 -23.29 -4.13 15.63
N GLY A 168 -23.27 -3.67 16.87
CA GLY A 168 -23.69 -4.46 18.02
C GLY A 168 -22.53 -5.08 18.79
N GLY A 169 -21.33 -4.97 18.23
CA GLY A 169 -20.13 -5.58 18.83
C GLY A 169 -19.30 -6.36 17.83
N GLY A 170 -18.29 -7.06 18.33
CA GLY A 170 -17.38 -7.86 17.49
C GLY A 170 -15.94 -7.51 17.77
N ASN A 171 -15.02 -8.20 17.09
CA ASN A 171 -13.59 -7.95 17.25
C ASN A 171 -12.87 -7.65 15.93
N HIS A 172 -11.60 -7.27 16.00
CA HIS A 172 -10.75 -7.07 14.81
C HIS A 172 -9.28 -7.31 15.20
N PRO A 173 -8.54 -8.14 14.41
CA PRO A 173 -7.15 -8.46 14.75
C PRO A 173 -6.19 -7.25 14.78
N LEU A 174 -6.56 -6.19 14.05
CA LEU A 174 -5.75 -4.96 14.02
C LEU A 174 -6.07 -3.94 15.11
N LEU A 175 -7.09 -4.23 15.95
CA LEU A 175 -7.41 -3.34 17.08
C LEU A 175 -6.53 -3.60 18.28
N VAL A 176 -5.25 -3.31 18.11
CA VAL A 176 -4.22 -3.38 19.12
C VAL A 176 -3.36 -2.13 18.95
N PRO A 177 -2.54 -1.79 19.96
CA PRO A 177 -1.61 -0.68 19.75
C PRO A 177 -0.68 -0.91 18.57
N TYR A 178 -0.39 0.18 17.85
CA TYR A 178 0.54 0.13 16.72
C TYR A 178 1.85 -0.60 17.04
N ASP A 179 2.41 -0.36 18.23
CA ASP A 179 3.75 -0.89 18.53
C ASP A 179 3.76 -2.41 18.71
N THR A 180 2.57 -3.00 18.82
CA THR A 180 2.42 -4.45 18.93
C THR A 180 2.10 -5.11 17.57
N LEU A 181 1.95 -4.29 16.53
CA LEU A 181 1.73 -4.83 15.18
C LEU A 181 3.01 -5.41 14.59
N THR A 182 2.88 -6.40 13.70
CA THR A 182 4.06 -6.89 12.98
C THR A 182 4.37 -5.96 11.82
N ALA A 183 5.50 -6.17 11.15
CA ALA A 183 5.88 -5.32 10.00
C ALA A 183 4.81 -5.34 8.92
N ALA A 184 4.27 -6.51 8.58
CA ALA A 184 3.26 -6.58 7.51
C ALA A 184 2.05 -5.75 7.89
N GLU A 185 1.70 -5.78 9.17
CA GLU A 185 0.53 -5.06 9.66
C GLU A 185 0.81 -3.53 9.75
N LYS A 186 2.06 -3.18 10.03
CA LYS A 186 2.48 -1.76 10.08
C LYS A 186 2.59 -1.14 8.68
N ALA A 187 2.79 -1.96 7.64
CA ALA A 187 3.26 -1.49 6.33
C ALA A 187 2.48 -0.31 5.75
N LYS A 188 1.14 -0.39 5.72
CA LYS A 188 0.34 0.64 5.04
C LYS A 188 0.63 2.02 5.68
N ASP A 189 0.61 2.03 7.00
CA ASP A 189 0.74 3.29 7.74
C ASP A 189 2.20 3.78 7.70
N ARG A 190 3.13 2.85 7.82
CA ARG A 190 4.54 3.17 7.72
C ARG A 190 4.90 3.76 6.37
N GLU A 191 4.41 3.16 5.29
CA GLU A 191 4.71 3.69 3.97
C GLU A 191 4.14 5.09 3.75
N LYS A 192 2.92 5.35 4.22
CA LYS A 192 2.36 6.70 4.10
C LYS A 192 3.24 7.73 4.85
N ALA A 193 3.62 7.38 6.06
CA ALA A 193 4.42 8.29 6.87
C ALA A 193 5.78 8.54 6.29
N GLN A 194 6.46 7.47 5.86
CA GLN A 194 7.77 7.63 5.28
C GLN A 194 7.70 8.46 4.00
N ASP A 195 6.62 8.29 3.22
CA ASP A 195 6.49 9.03 1.96
C ASP A 195 6.43 10.55 2.17
N ILE A 196 5.65 10.98 3.17
CA ILE A 196 5.57 12.43 3.37
C ILE A 196 6.88 12.99 3.89
N PHE A 197 7.54 12.24 4.78
CA PHE A 197 8.86 12.70 5.19
C PHE A 197 9.91 12.73 4.11
N LYS A 198 9.91 11.70 3.25
CA LYS A 198 10.83 11.75 2.16
C LYS A 198 10.55 12.90 1.21
N PHE A 199 9.26 13.19 0.99
CA PHE A 199 8.93 14.25 0.07
C PHE A 199 9.25 15.61 0.66
N LEU A 200 9.05 15.74 1.97
CA LEU A 200 9.53 16.94 2.65
C LEU A 200 11.01 17.17 2.39
N GLN A 201 11.83 16.15 2.61
CA GLN A 201 13.27 16.24 2.39
C GLN A 201 13.64 16.70 0.97
N ILE A 202 13.09 16.04 -0.05
CA ILE A 202 13.54 16.29 -1.42
C ILE A 202 12.98 17.59 -1.96
N SER A 203 11.95 18.09 -1.29
CA SER A 203 11.39 19.37 -1.73
CA SER A 203 11.34 19.38 -1.63
C SER A 203 12.00 20.58 -1.04
N GLY A 204 12.89 20.36 -0.08
CA GLY A 204 13.64 21.45 0.52
C GLY A 204 13.15 21.83 1.90
N TYR A 205 12.35 20.98 2.52
CA TYR A 205 11.92 21.27 3.91
C TYR A 205 12.72 20.44 4.90
N VAL A 206 13.02 21.01 6.05
CA VAL A 206 13.67 20.27 7.11
C VAL A 206 12.72 20.24 8.31
N VAL A 207 12.37 19.03 8.74
CA VAL A 207 11.49 18.86 9.92
C VAL A 207 12.34 18.36 11.05
N SER A 208 12.17 18.94 12.23
CA SER A 208 12.95 18.45 13.36
C SER A 208 12.19 18.61 14.65
N ARG A 209 12.76 18.04 15.72
CA ARG A 209 12.17 18.19 17.05
C ARG A 209 13.26 18.37 18.12
N ASN B 4 23.03 -13.82 8.57
CA ASN B 4 22.78 -14.70 7.39
C ASN B 4 21.30 -15.05 7.17
N PHE B 5 20.81 -14.69 5.99
CA PHE B 5 19.40 -14.84 5.58
C PHE B 5 19.02 -16.31 5.36
N ASN B 6 18.03 -16.78 6.12
CA ASN B 6 17.57 -18.17 5.99
C ASN B 6 16.09 -18.31 5.58
N PRO B 7 15.78 -18.06 4.28
CA PRO B 7 14.36 -18.10 3.88
C PRO B 7 13.73 -19.48 4.11
N GLN B 8 12.74 -19.53 4.98
CA GLN B 8 11.97 -20.76 5.19
C GLN B 8 10.46 -20.53 5.01
N PRO B 9 9.96 -20.66 3.77
CA PRO B 9 8.52 -20.45 3.64
C PRO B 9 7.73 -21.58 4.32
N VAL B 10 6.49 -21.30 4.68
CA VAL B 10 5.68 -22.33 5.34
C VAL B 10 5.43 -23.53 4.42
N ASP B 11 5.74 -24.71 4.94
CA ASP B 11 5.52 -25.93 4.17
C ASP B 11 4.04 -26.23 4.06
N THR B 12 3.58 -26.51 2.85
CA THR B 12 2.18 -26.83 2.66
C THR B 12 1.98 -28.22 2.05
N SER B 13 3.01 -29.05 2.07
CA SER B 13 2.95 -30.34 1.36
C SER B 13 1.93 -31.33 1.94
N ASN B 14 1.53 -31.12 3.19
CA ASN B 14 0.47 -31.94 3.80
C ASN B 14 -0.83 -31.15 4.09
N ILE B 15 -0.98 -30.02 3.40
CA ILE B 15 -2.24 -29.32 3.39
C ILE B 15 -3.08 -29.90 2.26
N THR B 16 -4.35 -30.12 2.55
CA THR B 16 -5.30 -30.57 1.58
C THR B 16 -6.26 -29.42 1.39
N ILE B 17 -6.45 -28.98 0.14
CA ILE B 17 -7.47 -27.98 -0.11
C ILE B 17 -8.81 -28.67 0.07
N PRO B 18 -9.72 -28.03 0.82
CA PRO B 18 -11.07 -28.55 0.98
C PRO B 18 -11.74 -28.63 -0.38
N GLU B 19 -12.71 -29.54 -0.50
CA GLU B 19 -13.48 -29.65 -1.73
C GLU B 19 -14.30 -28.38 -1.95
N LYS B 20 -14.63 -27.69 -0.86
CA LYS B 20 -15.46 -26.48 -0.91
C LYS B 20 -14.91 -25.38 -1.81
N LEU B 21 -13.63 -25.49 -2.18
CA LEU B 21 -12.94 -24.49 -2.99
C LEU B 21 -12.70 -24.92 -4.43
N GLU B 22 -13.01 -26.19 -4.74
CA GLU B 22 -12.82 -26.77 -6.07
C GLU B 22 -13.25 -25.85 -7.23
N TYR B 23 -14.45 -25.29 -7.12
CA TYR B 23 -15.00 -24.42 -8.16
C TYR B 23 -14.20 -23.13 -8.28
N PHE B 24 -14.05 -22.41 -7.17
CA PHE B 24 -13.30 -21.15 -7.18
C PHE B 24 -11.96 -21.29 -7.90
N ILE B 25 -11.25 -22.37 -7.59
CA ILE B 25 -9.95 -22.62 -8.18
C ILE B 25 -10.07 -22.61 -9.71
N ASN B 26 -11.14 -23.20 -10.23
CA ASN B 26 -11.37 -23.20 -11.67
C ASN B 26 -11.74 -21.85 -12.24
N LYS B 27 -12.56 -21.08 -11.52
CA LYS B 27 -12.96 -19.76 -12.00
C LYS B 27 -11.76 -18.81 -12.05
N TYR B 28 -10.86 -18.94 -11.07
CA TYR B 28 -9.65 -18.11 -11.03
C TYR B 28 -8.59 -18.56 -12.04
N ALA B 29 -8.46 -19.87 -12.22
CA ALA B 29 -7.52 -20.43 -13.18
C ALA B 29 -7.92 -20.04 -14.61
N GLU B 30 -9.21 -20.18 -14.91
CA GLU B 30 -9.75 -19.73 -16.19
C GLU B 30 -9.47 -18.24 -16.42
N HIS B 31 -9.81 -17.42 -15.42
CA HIS B 31 -9.50 -15.99 -15.44
C HIS B 31 -8.02 -15.73 -15.76
N SER B 32 -7.12 -16.46 -15.08
CA SER B 32 -5.68 -16.32 -15.29
C SER B 32 -5.30 -16.63 -16.74
N HIS B 33 -5.84 -17.73 -17.27
CA HIS B 33 -5.67 -18.09 -18.69
C HIS B 33 -6.24 -17.02 -19.64
N ASP B 34 -7.42 -16.49 -19.32
CA ASP B 34 -8.05 -15.45 -20.14
C ASP B 34 -7.25 -14.17 -20.21
N SER B 68 -6.78 -28.92 -21.74
CA SER B 68 -6.57 -30.22 -21.11
C SER B 68 -6.39 -30.07 -19.60
N GLU B 69 -6.43 -31.19 -18.87
CA GLU B 69 -6.29 -31.15 -17.41
C GLU B 69 -4.86 -30.80 -16.96
N LYS B 70 -3.87 -31.25 -17.72
CA LYS B 70 -2.47 -30.91 -17.41
C LYS B 70 -2.15 -29.46 -17.77
N GLU B 71 -2.89 -28.90 -18.73
CA GLU B 71 -2.75 -27.50 -19.14
C GLU B 71 -3.54 -26.56 -18.24
N LYS B 72 -4.65 -27.05 -17.69
CA LYS B 72 -5.38 -26.32 -16.65
C LYS B 72 -4.51 -26.17 -15.41
N GLU B 73 -3.72 -27.18 -15.12
CA GLU B 73 -2.92 -27.24 -13.89
C GLU B 73 -1.79 -26.21 -13.86
N ILE B 74 -1.40 -25.73 -15.04
CA ILE B 74 -0.44 -24.63 -15.14
C ILE B 74 -0.93 -23.43 -14.32
N TYR B 75 -2.24 -23.24 -14.30
CA TYR B 75 -2.86 -22.12 -13.61
C TYR B 75 -3.41 -22.52 -12.25
N ARG B 76 -3.99 -23.71 -12.17
CA ARG B 76 -4.50 -24.25 -10.92
C ARG B 76 -3.42 -24.34 -9.82
N TRP B 77 -2.20 -24.70 -10.22
CA TRP B 77 -1.12 -25.05 -9.27
C TRP B 77 -0.72 -23.88 -8.36
N PRO B 78 -0.29 -22.76 -8.95
CA PRO B 78 0.07 -21.64 -8.06
C PRO B 78 -1.12 -21.12 -7.26
N ILE B 79 -2.34 -21.27 -7.78
CA ILE B 79 -3.53 -20.87 -7.03
C ILE B 79 -3.68 -21.78 -5.82
N LYS B 80 -3.56 -23.07 -6.06
CA LYS B 80 -3.62 -24.04 -4.96
C LYS B 80 -2.52 -23.79 -3.92
N GLU B 81 -1.32 -23.47 -4.39
CA GLU B 81 -0.20 -23.16 -3.50
C GLU B 81 -0.51 -21.96 -2.61
N SER B 82 -1.08 -20.91 -3.20
CA SER B 82 -1.46 -19.73 -2.44
C SER B 82 -2.49 -20.08 -1.38
N LEU B 83 -3.53 -20.82 -1.79
CA LEU B 83 -4.57 -21.25 -0.89
C LEU B 83 -4.00 -22.12 0.22
N LYS B 84 -3.05 -22.99 -0.12
CA LYS B 84 -2.45 -23.89 0.87
C LYS B 84 -1.72 -23.13 1.95
N THR B 85 -1.04 -22.04 1.58
CA THR B 85 -0.41 -21.19 2.56
C THR B 85 -1.42 -20.53 3.51
N MSE B 86 -2.52 -19.99 2.99
CA MSE B 86 -3.55 -19.38 3.84
C MSE B 86 -4.08 -20.39 4.87
O MSE B 86 -4.20 -20.08 6.04
CB MSE B 86 -4.70 -18.89 2.98
CG MSE B 86 -4.29 -17.80 1.98
SE MSE B 86 -5.94 -17.23 1.12
CE MSE B 86 -5.16 -16.74 -0.56
N LEU B 87 -4.32 -21.60 4.39
CA LEU B 87 -4.81 -22.69 5.26
C LEU B 87 -3.77 -23.16 6.28
N ALA B 88 -2.49 -23.19 5.88
CA ALA B 88 -1.38 -23.50 6.80
C ALA B 88 -1.27 -22.53 7.94
N TRP B 89 -1.68 -21.28 7.68
CA TRP B 89 -1.62 -20.23 8.68
C TRP B 89 -2.87 -20.19 9.55
N GLY B 90 -3.80 -21.10 9.29
CA GLY B 90 -5.00 -21.22 10.12
C GLY B 90 -6.10 -20.28 9.68
N TRP B 91 -5.93 -19.68 8.49
CA TRP B 91 -6.92 -18.74 8.01
C TRP B 91 -8.18 -19.47 7.51
N ARG B 92 -9.31 -18.80 7.68
CA ARG B 92 -10.60 -19.33 7.27
C ARG B 92 -10.98 -18.74 5.94
N ILE B 93 -11.41 -19.61 5.03
CA ILE B 93 -11.88 -19.20 3.71
C ILE B 93 -13.33 -19.70 3.62
N GLU B 94 -14.26 -18.75 3.52
CA GLU B 94 -15.70 -19.05 3.63
C GLU B 94 -16.45 -18.41 2.48
N ARG B 95 -17.17 -19.23 1.71
CA ARG B 95 -18.10 -18.67 0.72
C ARG B 95 -19.31 -18.12 1.45
N THR B 96 -19.54 -16.81 1.32
CA THR B 96 -20.61 -16.13 2.04
C THR B 96 -21.69 -15.53 1.12
N ARG B 97 -21.29 -15.07 -0.07
CA ARG B 97 -22.22 -14.42 -1.01
C ARG B 97 -22.13 -15.02 -2.42
N ASP B 131 -12.08 -6.77 -14.44
CA ASP B 131 -11.09 -5.74 -14.12
C ASP B 131 -11.18 -5.31 -12.66
N MSE B 132 -10.14 -5.65 -11.91
CA MSE B 132 -10.16 -5.51 -10.45
C MSE B 132 -9.31 -4.36 -9.92
O MSE B 132 -9.06 -4.27 -8.71
CB MSE B 132 -9.74 -6.83 -9.80
CG MSE B 132 -10.55 -8.00 -10.31
SE MSE B 132 -10.39 -9.58 -9.21
CE MSE B 132 -8.57 -10.10 -9.65
N SER B 133 -8.92 -3.46 -10.83
CA SER B 133 -8.21 -2.23 -10.45
C SER B 133 -8.98 -1.40 -9.43
N ASN B 134 -10.30 -1.35 -9.60
CA ASN B 134 -11.18 -0.62 -8.69
C ASN B 134 -11.75 -1.43 -7.52
N VAL B 135 -11.28 -2.67 -7.34
CA VAL B 135 -11.67 -3.49 -6.17
C VAL B 135 -10.88 -3.08 -4.93
N THR B 136 -11.60 -2.86 -3.82
CA THR B 136 -11.04 -2.36 -2.57
C THR B 136 -10.80 -3.51 -1.60
N LEU B 137 -9.59 -3.55 -1.02
CA LEU B 137 -9.32 -4.48 0.05
C LEU B 137 -9.31 -3.77 1.40
N SER B 138 -9.90 -4.41 2.41
CA SER B 138 -9.94 -3.86 3.76
C SER B 138 -8.52 -3.73 4.32
N ARG B 139 -8.39 -2.98 5.40
CA ARG B 139 -7.13 -2.82 6.12
C ARG B 139 -6.54 -4.19 6.52
N ASP B 140 -7.40 -5.08 7.00
CA ASP B 140 -6.96 -6.40 7.44
C ASP B 140 -6.41 -7.17 6.25
N LEU B 141 -7.13 -7.14 5.13
CA LEU B 141 -6.72 -7.86 3.95
C LEU B 141 -5.43 -7.32 3.33
N HIS B 142 -5.22 -6.01 3.42
CA HIS B 142 -3.92 -5.43 3.05
C HIS B 142 -2.76 -5.96 3.90
N ALA B 143 -2.94 -6.04 5.23
CA ALA B 143 -1.96 -6.65 6.10
C ALA B 143 -1.76 -8.12 5.70
N MSE B 144 -2.85 -8.84 5.49
CA MSE B 144 -2.75 -10.26 5.12
C MSE B 144 -2.08 -10.45 3.77
O MSE B 144 -1.28 -11.38 3.59
CB MSE B 144 -4.13 -10.91 5.18
CG MSE B 144 -4.59 -11.03 6.62
SE MSE B 144 -6.51 -11.29 6.73
CE MSE B 144 -6.58 -13.01 5.89
N ALA B 145 -2.33 -9.54 2.83
CA ALA B 145 -1.61 -9.59 1.54
C ALA B 145 -0.11 -9.36 1.69
N GLU B 146 0.28 -8.44 2.58
CA GLU B 146 1.71 -8.25 2.89
C GLU B 146 2.35 -9.50 3.41
N MSE B 147 1.65 -10.22 4.30
CA MSE B 147 2.18 -11.45 4.81
C MSE B 147 2.33 -12.45 3.66
O MSE B 147 3.36 -13.12 3.57
CB MSE B 147 1.25 -12.00 5.91
CG MSE B 147 1.16 -11.10 7.11
SE MSE B 147 -0.02 -11.97 8.42
CE MSE B 147 -0.07 -10.57 9.76
N MSE B 148 1.30 -12.58 2.82
CA MSE B 148 1.37 -13.49 1.68
C MSE B 148 2.55 -13.11 0.77
O MSE B 148 3.29 -13.98 0.29
CB MSE B 148 0.07 -13.51 0.88
CG MSE B 148 -1.08 -14.20 1.59
SE MSE B 148 -0.80 -16.11 1.57
CE MSE B 148 -1.07 -16.43 -0.35
N ALA B 149 2.73 -11.80 0.57
CA ALA B 149 3.82 -11.29 -0.28
C ALA B 149 5.21 -11.63 0.28
N GLU B 150 5.40 -11.50 1.60
CA GLU B 150 6.68 -11.91 2.21
CA GLU B 150 6.65 -11.94 2.24
C GLU B 150 6.91 -13.40 2.05
N ASN B 151 5.87 -14.23 2.23
CA ASN B 151 6.06 -15.63 2.04
C ASN B 151 6.39 -15.92 0.59
N TYR B 152 5.78 -15.19 -0.33
CA TYR B 152 6.14 -15.45 -1.73
C TYR B 152 7.62 -15.20 -1.96
N HIS B 153 8.12 -14.13 -1.36
CA HIS B 153 9.53 -13.79 -1.45
C HIS B 153 10.38 -14.88 -0.84
N ASN B 154 9.95 -15.40 0.30
CA ASN B 154 10.71 -16.50 0.93
C ASN B 154 10.72 -17.78 0.10
N ILE B 155 9.60 -18.08 -0.55
CA ILE B 155 9.51 -19.17 -1.52
C ILE B 155 10.52 -18.97 -2.64
N TRP B 156 10.53 -17.77 -3.21
CA TRP B 156 11.47 -17.46 -4.29
C TRP B 156 12.92 -17.59 -3.80
N ALA B 157 13.17 -17.06 -2.61
CA ALA B 157 14.54 -16.94 -2.09
C ALA B 157 15.06 -18.29 -1.65
N LYS B 158 14.19 -19.13 -1.12
CA LYS B 158 14.61 -20.49 -0.76
C LYS B 158 15.11 -21.23 -2.01
N LYS B 159 14.33 -21.19 -3.10
CA LYS B 159 14.72 -21.86 -4.35
C LYS B 159 16.04 -21.30 -4.84
N LYS B 160 16.20 -19.99 -4.69
CA LYS B 160 17.43 -19.32 -5.10
C LYS B 160 18.63 -19.75 -4.26
N LYS B 161 18.49 -19.72 -2.94
CA LYS B 161 19.59 -20.06 -2.02
C LYS B 161 20.08 -21.50 -2.20
N LEU B 162 19.12 -22.43 -2.37
CA LEU B 162 19.42 -23.85 -2.62
C LEU B 162 20.09 -24.05 -3.96
N GLU B 163 19.53 -23.43 -5.00
CA GLU B 163 20.11 -23.46 -6.34
C GLU B 163 21.57 -22.97 -6.32
N LEU B 164 21.85 -21.97 -5.49
CA LEU B 164 23.21 -21.45 -5.36
C LEU B 164 24.09 -22.40 -4.55
N GLU B 165 23.48 -23.06 -3.56
CA GLU B 165 24.16 -24.05 -2.74
C GLU B 165 24.34 -25.36 -3.51
N ASN B 171 26.21 -15.58 -4.48
CA ASN B 171 25.22 -14.65 -3.89
C ASN B 171 24.29 -14.06 -4.95
N HIS B 172 23.25 -13.33 -4.51
CA HIS B 172 22.29 -12.77 -5.43
C HIS B 172 21.76 -11.49 -4.77
N PRO B 173 21.51 -10.40 -5.54
CA PRO B 173 21.20 -9.17 -4.79
C PRO B 173 19.88 -9.16 -4.03
N LEU B 174 18.96 -10.04 -4.40
CA LEU B 174 17.65 -10.08 -3.72
C LEU B 174 17.57 -11.19 -2.67
N LEU B 175 18.70 -11.86 -2.39
CA LEU B 175 18.73 -12.83 -1.27
C LEU B 175 18.92 -12.06 0.04
N VAL B 176 17.84 -11.36 0.38
CA VAL B 176 17.81 -10.44 1.49
C VAL B 176 16.41 -10.54 2.11
N PRO B 177 16.26 -10.13 3.38
CA PRO B 177 14.92 -10.20 3.97
C PRO B 177 13.93 -9.28 3.27
N TYR B 178 12.70 -9.76 3.18
CA TYR B 178 11.61 -9.00 2.55
C TYR B 178 11.53 -7.56 3.08
N ASP B 179 11.77 -7.40 4.37
N ASP B 179 11.76 -7.37 4.38
CA ASP B 179 11.66 -6.08 4.98
CA ASP B 179 11.64 -6.03 4.93
C ASP B 179 12.76 -5.08 4.53
C ASP B 179 12.77 -5.07 4.53
N THR B 180 13.78 -5.58 3.81
CA THR B 180 14.82 -4.69 3.24
C THR B 180 14.59 -4.37 1.74
N LEU B 181 13.51 -4.89 1.17
CA LEU B 181 13.21 -4.66 -0.25
C LEU B 181 12.56 -3.29 -0.41
N THR B 182 12.74 -2.69 -1.59
CA THR B 182 12.06 -1.44 -1.91
C THR B 182 10.63 -1.73 -2.36
N ALA B 183 9.82 -0.67 -2.48
CA ALA B 183 8.42 -0.82 -2.95
C ALA B 183 8.40 -1.47 -4.32
N ALA B 184 9.24 -0.99 -5.22
CA ALA B 184 9.40 -1.55 -6.57
C ALA B 184 9.69 -3.07 -6.56
N GLU B 185 10.63 -3.45 -5.70
CA GLU B 185 11.03 -4.86 -5.58
C GLU B 185 9.95 -5.74 -4.99
N LYS B 186 9.12 -5.15 -4.13
CA LYS B 186 8.04 -5.91 -3.51
C LYS B 186 6.84 -6.04 -4.44
N ALA B 187 6.75 -5.15 -5.42
CA ALA B 187 5.56 -5.01 -6.28
C ALA B 187 4.97 -6.31 -6.85
N LYS B 188 5.81 -7.18 -7.42
CA LYS B 188 5.40 -8.44 -8.05
C LYS B 188 4.68 -9.37 -7.05
N ASP B 189 5.25 -9.49 -5.84
CA ASP B 189 4.67 -10.39 -4.83
C ASP B 189 3.41 -9.75 -4.21
N ARG B 190 3.43 -8.43 -4.02
CA ARG B 190 2.25 -7.71 -3.53
C ARG B 190 1.07 -7.82 -4.48
N GLU B 191 1.37 -7.69 -5.77
CA GLU B 191 0.34 -7.77 -6.79
C GLU B 191 -0.27 -9.18 -6.86
N LYS B 192 0.57 -10.21 -6.78
CA LYS B 192 0.08 -11.60 -6.78
C LYS B 192 -0.83 -11.84 -5.58
N ALA B 193 -0.39 -11.36 -4.41
CA ALA B 193 -1.16 -11.56 -3.18
C ALA B 193 -2.49 -10.84 -3.25
N GLN B 194 -2.45 -9.57 -3.66
CA GLN B 194 -3.68 -8.80 -3.74
C GLN B 194 -4.66 -9.37 -4.77
N ASP B 195 -4.12 -9.93 -5.84
CA ASP B 195 -4.97 -10.41 -6.92
C ASP B 195 -5.82 -11.57 -6.45
N ILE B 196 -5.24 -12.52 -5.72
CA ILE B 196 -6.05 -13.63 -5.20
C ILE B 196 -7.11 -13.19 -4.17
N PHE B 197 -6.74 -12.26 -3.28
CA PHE B 197 -7.71 -11.73 -2.34
C PHE B 197 -8.86 -11.03 -3.07
N LYS B 198 -8.55 -10.26 -4.11
CA LYS B 198 -9.60 -9.53 -4.82
C LYS B 198 -10.53 -10.51 -5.55
N PHE B 199 -9.95 -11.51 -6.20
CA PHE B 199 -10.74 -12.52 -6.92
C PHE B 199 -11.60 -13.39 -5.99
N LEU B 200 -11.06 -13.73 -4.82
CA LEU B 200 -11.85 -14.43 -3.80
C LEU B 200 -13.06 -13.57 -3.44
N GLN B 201 -12.81 -12.29 -3.18
CA GLN B 201 -13.81 -11.32 -2.76
C GLN B 201 -14.96 -11.17 -3.75
N ILE B 202 -14.65 -11.02 -5.04
CA ILE B 202 -15.70 -10.86 -6.07
C ILE B 202 -16.45 -12.17 -6.33
N SER B 203 -15.87 -13.28 -5.89
CA SER B 203 -16.47 -14.61 -6.04
C SER B 203 -17.31 -15.03 -4.84
N GLY B 204 -17.46 -14.11 -3.88
CA GLY B 204 -18.28 -14.34 -2.70
C GLY B 204 -17.57 -15.04 -1.55
N TYR B 205 -16.24 -14.97 -1.54
CA TYR B 205 -15.46 -15.63 -0.49
C TYR B 205 -14.83 -14.62 0.46
N VAL B 206 -14.84 -14.94 1.75
CA VAL B 206 -14.23 -14.13 2.78
C VAL B 206 -13.06 -14.88 3.43
N VAL B 207 -11.90 -14.24 3.47
CA VAL B 207 -10.75 -14.75 4.21
C VAL B 207 -10.61 -14.01 5.52
N SER B 208 -10.50 -14.77 6.62
CA SER B 208 -10.34 -14.17 7.94
C SER B 208 -9.30 -14.95 8.76
N ARG B 209 -8.75 -14.30 9.77
CA ARG B 209 -7.64 -14.87 10.53
C ARG B 209 -7.93 -14.93 12.03
CL CL C . -11.13 -1.48 6.90
#